data_9JEW
#
_entry.id   9JEW
#
_cell.length_a   50.550
_cell.length_b   57.866
_cell.length_c   74.930
_cell.angle_alpha   90.00
_cell.angle_beta   90.00
_cell.angle_gamma   90.00
#
_symmetry.space_group_name_H-M   'P 21 21 21'
#
loop_
_entity.id
_entity.type
_entity.pdbx_description
1 polymer 'Cupin type-2 domain-containing protein'
2 non-polymer 'FE (III) ION'
3 water water
#
_entity_poly.entity_id   1
_entity_poly.type   'polypeptide(L)'
_entity_poly.pdbx_seq_one_letter_code
;GPSGMILKRAYDVTPQKISTDKVRGVRKRVLIGLKDAPNFVMRLFTVEPGGLIDRHSHPWEHEIFVLKGKLTVLKEQGEE
TVEEGFYIFVEPNEIHGFRNDTDSEVEFLVLIPKEGGE
;
_entity_poly.pdbx_strand_id   A,B
#
loop_
_chem_comp.id
_chem_comp.type
_chem_comp.name
_chem_comp.formula
FE non-polymer 'FE (III) ION' 'Fe 3'
#
# COMPACT_ATOMS: atom_id res chain seq x y z
N GLY A 1 8.05 -20.71 4.37
CA GLY A 1 7.84 -19.87 5.51
C GLY A 1 6.57 -20.17 6.29
N PRO A 2 6.26 -19.34 7.28
CA PRO A 2 5.08 -19.55 8.14
C PRO A 2 3.75 -19.43 7.38
N SER A 3 2.66 -19.92 7.94
CA SER A 3 1.30 -19.79 7.46
C SER A 3 0.57 -18.71 8.25
N GLY A 4 -0.66 -18.42 7.81
CA GLY A 4 -1.53 -17.49 8.48
C GLY A 4 -1.68 -16.15 7.80
N MET A 5 -2.57 -15.32 8.35
N MET A 5 -2.39 -15.31 8.55
CA MET A 5 -2.65 -13.90 7.98
CA MET A 5 -2.78 -13.98 8.13
C MET A 5 -2.69 -13.05 9.25
C MET A 5 -2.75 -13.02 9.31
N ILE A 6 -2.08 -11.89 9.16
CA ILE A 6 -2.09 -10.82 10.15
C ILE A 6 -3.07 -9.76 9.72
N LEU A 7 -3.96 -9.33 10.60
CA LEU A 7 -4.91 -8.28 10.33
C LEU A 7 -4.82 -7.30 11.51
N LYS A 8 -4.41 -6.07 11.27
CA LYS A 8 -4.13 -5.15 12.37
C LYS A 8 -4.39 -3.72 11.98
N ARG A 9 -4.96 -2.96 12.91
CA ARG A 9 -5.10 -1.52 12.78
C ARG A 9 -3.70 -0.89 12.72
N ALA A 10 -3.41 -0.15 11.66
CA ALA A 10 -2.08 0.44 11.52
C ALA A 10 -1.72 1.33 12.69
N TYR A 11 -2.67 2.09 13.23
CA TYR A 11 -2.43 2.96 14.36
C TYR A 11 -2.18 2.21 15.65
N ASP A 12 -2.31 0.90 15.70
CA ASP A 12 -1.89 0.13 16.86
C ASP A 12 -0.37 0.05 16.93
N VAL A 13 0.32 0.41 15.85
CA VAL A 13 1.79 0.64 15.88
C VAL A 13 2.16 2.08 16.20
N THR A 14 3.04 2.22 17.23
CA THR A 14 3.51 3.52 17.71
C THR A 14 4.35 4.24 16.64
N PRO A 15 4.08 5.51 16.30
CA PRO A 15 4.92 6.17 15.30
C PRO A 15 6.22 6.72 15.86
N GLN A 16 7.33 6.16 15.37
CA GLN A 16 8.65 6.42 15.91
C GLN A 16 9.31 7.52 15.09
N LYS A 17 10.10 8.29 15.76
CA LYS A 17 10.75 9.43 15.11
C LYS A 17 11.84 8.88 14.20
N ILE A 18 11.91 9.44 13.02
CA ILE A 18 13.01 9.30 12.10
C ILE A 18 13.94 10.48 12.29
N SER A 19 15.20 10.10 12.54
CA SER A 19 16.21 11.06 12.90
C SER A 19 17.48 10.81 12.11
N THR A 20 17.66 11.48 10.97
CA THR A 20 18.92 11.31 10.26
C THR A 20 19.34 12.69 9.76
N ASP A 21 20.51 12.73 9.10
CA ASP A 21 20.99 14.03 8.64
C ASP A 21 20.18 14.60 7.50
N LYS A 22 19.27 13.83 6.94
CA LYS A 22 18.52 14.20 5.77
C LYS A 22 17.01 14.14 5.98
N VAL A 23 16.56 13.89 7.20
CA VAL A 23 15.15 13.77 7.54
C VAL A 23 14.91 14.48 8.89
N ARG A 24 13.88 15.29 8.92
CA ARG A 24 13.42 15.96 10.15
C ARG A 24 11.91 16.03 10.16
N GLY A 25 11.25 15.90 11.30
CA GLY A 25 9.80 16.01 11.42
C GLY A 25 9.04 14.87 10.78
N VAL A 26 9.55 13.66 10.89
CA VAL A 26 8.92 12.51 10.27
C VAL A 26 8.91 11.38 11.30
N ARG A 27 7.82 10.62 11.29
CA ARG A 27 7.70 9.41 12.07
C ARG A 27 7.31 8.24 11.18
N LYS A 28 7.60 7.05 11.63
CA LYS A 28 7.32 5.85 10.83
C LYS A 28 6.70 4.75 11.70
N ARG A 29 5.80 4.00 11.12
CA ARG A 29 5.25 2.77 11.68
C ARG A 29 5.63 1.64 10.71
N VAL A 30 6.29 0.64 11.21
CA VAL A 30 6.58 -0.55 10.44
C VAL A 30 5.36 -1.46 10.52
N LEU A 31 4.69 -1.70 9.41
CA LEU A 31 3.49 -2.51 9.32
C LEU A 31 3.83 -3.96 9.02
N ILE A 32 4.50 -4.17 7.91
CA ILE A 32 4.97 -5.49 7.50
C ILE A 32 6.47 -5.36 7.30
N GLY A 33 7.22 -5.81 8.30
CA GLY A 33 8.64 -5.56 8.36
C GLY A 33 9.48 -6.76 7.98
N LEU A 34 10.78 -6.59 8.19
CA LEU A 34 11.77 -7.63 7.88
C LEU A 34 11.49 -8.94 8.60
N LYS A 35 10.95 -8.89 9.81
CA LYS A 35 10.76 -10.14 10.56
C LYS A 35 9.77 -11.04 9.85
N ASP A 36 8.91 -10.50 9.02
CA ASP A 36 7.84 -11.28 8.40
C ASP A 36 7.83 -11.30 6.89
N ALA A 37 8.35 -10.28 6.21
CA ALA A 37 8.12 -10.09 4.79
C ALA A 37 8.93 -11.07 3.96
N PRO A 38 8.33 -11.79 3.00
CA PRO A 38 9.11 -12.59 2.08
C PRO A 38 9.94 -11.78 1.07
N ASN A 39 9.41 -10.62 0.69
CA ASN A 39 10.00 -9.90 -0.46
C ASN A 39 10.12 -8.40 -0.27
N PHE A 40 9.10 -7.73 0.27
CA PHE A 40 9.05 -6.28 0.35
C PHE A 40 8.33 -5.86 1.62
N VAL A 41 8.65 -4.68 2.10
CA VAL A 41 8.17 -4.19 3.37
C VAL A 41 7.20 -3.03 3.20
N MET A 42 6.31 -2.88 4.17
CA MET A 42 5.27 -1.86 4.19
C MET A 42 5.40 -1.01 5.44
N ARG A 43 5.61 0.28 5.25
CA ARG A 43 5.68 1.25 6.35
C ARG A 43 4.68 2.35 6.10
N LEU A 44 4.20 2.97 7.19
CA LEU A 44 3.36 4.14 7.15
C LEU A 44 4.14 5.30 7.72
N PHE A 45 4.39 6.30 6.88
CA PHE A 45 5.15 7.48 7.27
C PHE A 45 4.16 8.60 7.59
N THR A 46 4.52 9.36 8.63
CA THR A 46 3.78 10.56 9.03
C THR A 46 4.76 11.74 8.97
N VAL A 47 4.44 12.74 8.17
CA VAL A 47 5.26 13.94 8.05
C VAL A 47 4.55 15.01 8.86
N GLU A 48 5.19 15.46 9.91
CA GLU A 48 4.65 16.54 10.76
C GLU A 48 4.63 17.83 9.95
N PRO A 49 3.86 18.81 10.40
CA PRO A 49 3.85 20.12 9.73
C PRO A 49 5.29 20.64 9.64
N GLY A 50 5.67 21.05 8.44
CA GLY A 50 7.00 21.52 8.16
C GLY A 50 8.05 20.45 8.05
N GLY A 51 7.71 19.19 8.21
CA GLY A 51 8.67 18.13 8.08
C GLY A 51 9.24 18.01 6.67
N LEU A 52 10.43 17.42 6.59
CA LEU A 52 11.19 17.39 5.36
C LEU A 52 12.02 16.11 5.28
N ILE A 53 11.89 15.46 4.12
CA ILE A 53 12.78 14.40 3.67
C ILE A 53 13.54 14.97 2.51
N ASP A 54 14.82 15.32 2.74
CA ASP A 54 15.61 15.99 1.72
C ASP A 54 15.73 15.12 0.48
N ARG A 55 15.98 15.75 -0.65
CA ARG A 55 16.29 15.04 -1.89
C ARG A 55 17.42 14.03 -1.66
N HIS A 56 17.21 12.83 -2.14
CA HIS A 56 18.16 11.75 -2.00
C HIS A 56 17.83 10.71 -3.06
N SER A 57 18.68 9.70 -3.13
CA SER A 57 18.40 8.57 -4.00
C SER A 57 19.00 7.31 -3.36
N HIS A 58 18.55 6.15 -3.81
CA HIS A 58 19.03 4.88 -3.30
C HIS A 58 18.85 3.82 -4.40
N PRO A 59 19.59 2.72 -4.34
N PRO A 59 19.56 2.72 -4.27
CA PRO A 59 19.55 1.70 -5.38
CA PRO A 59 19.55 1.68 -5.32
C PRO A 59 18.18 1.08 -5.65
C PRO A 59 18.42 0.69 -5.11
N TRP A 60 17.24 1.15 -4.72
N TRP A 60 17.21 1.18 -4.85
CA TRP A 60 15.96 0.47 -4.84
C TRP A 60 14.84 1.49 -5.13
N GLU A 61 13.73 0.95 -5.64
CA GLU A 61 12.51 1.70 -5.93
C GLU A 61 11.70 1.99 -4.67
N HIS A 62 10.76 2.93 -4.83
CA HIS A 62 9.69 3.14 -3.89
C HIS A 62 8.34 2.99 -4.60
N GLU A 63 7.39 2.38 -3.88
CA GLU A 63 5.98 2.44 -4.27
C GLU A 63 5.23 3.10 -3.10
N ILE A 64 4.51 4.16 -3.40
CA ILE A 64 3.90 5.01 -2.37
C ILE A 64 2.43 5.19 -2.65
N PHE A 65 1.63 5.25 -1.58
CA PHE A 65 0.23 5.62 -1.69
C PHE A 65 -0.08 6.66 -0.62
N VAL A 66 -0.61 7.81 -0.99
CA VAL A 66 -0.87 8.89 -0.04
C VAL A 66 -2.23 8.68 0.61
N LEU A 67 -2.22 8.58 1.94
CA LEU A 67 -3.37 8.29 2.76
C LEU A 67 -4.07 9.52 3.31
N LYS A 68 -3.34 10.56 3.60
CA LYS A 68 -3.89 11.71 4.32
C LYS A 68 -3.08 12.96 3.97
N GLY A 69 -3.79 14.03 3.62
CA GLY A 69 -3.18 15.32 3.49
C GLY A 69 -2.57 15.60 2.14
N LYS A 70 -1.85 16.71 2.08
CA LYS A 70 -1.24 17.26 0.90
C LYS A 70 0.28 17.14 1.03
N LEU A 71 0.87 16.29 0.20
CA LEU A 71 2.29 15.92 0.21
C LEU A 71 3.02 16.67 -0.90
N THR A 72 4.05 17.45 -0.54
CA THR A 72 4.89 18.04 -1.57
C THR A 72 6.00 17.06 -1.93
N VAL A 73 6.11 16.74 -3.21
CA VAL A 73 7.10 15.79 -3.71
C VAL A 73 8.22 16.58 -4.39
N LEU A 74 9.43 16.39 -3.91
CA LEU A 74 10.63 17.02 -4.45
C LEU A 74 11.22 16.09 -5.52
N LYS A 75 11.45 16.64 -6.70
CA LYS A 75 11.96 15.93 -7.86
C LYS A 75 13.34 16.43 -8.19
N GLU A 76 14.02 15.76 -9.13
CA GLU A 76 15.33 16.26 -9.52
C GLU A 76 15.24 17.72 -9.96
N GLN A 77 14.19 18.07 -10.68
CA GLN A 77 13.87 19.40 -11.13
C GLN A 77 12.50 19.75 -10.57
N GLY A 78 12.49 20.67 -9.61
CA GLY A 78 11.28 21.24 -9.11
C GLY A 78 10.56 20.32 -8.15
N GLU A 79 9.26 20.55 -8.00
CA GLU A 79 8.42 19.88 -7.05
C GLU A 79 6.97 19.87 -7.53
N GLU A 80 6.18 18.99 -6.96
CA GLU A 80 4.76 18.86 -7.28
C GLU A 80 4.02 18.45 -6.01
N THR A 81 2.80 18.93 -5.77
CA THR A 81 2.06 18.53 -4.58
C THR A 81 0.98 17.55 -5.01
N VAL A 82 0.84 16.45 -4.27
CA VAL A 82 -0.23 15.48 -4.50
C VAL A 82 -1.03 15.37 -3.19
N GLU A 83 -2.09 14.59 -3.18
CA GLU A 83 -2.95 14.52 -2.01
C GLU A 83 -3.40 13.09 -1.81
N GLU A 84 -4.21 12.89 -0.78
CA GLU A 84 -4.77 11.59 -0.51
C GLU A 84 -5.35 11.01 -1.77
N GLY A 85 -5.07 9.75 -2.02
CA GLY A 85 -5.57 9.03 -3.17
C GLY A 85 -4.63 9.02 -4.35
N PHE A 86 -3.48 9.64 -4.23
CA PHE A 86 -2.44 9.55 -5.25
C PHE A 86 -1.49 8.42 -4.92
N TYR A 87 -0.97 7.83 -5.98
CA TYR A 87 0.17 6.90 -5.85
C TYR A 87 1.38 7.54 -6.52
N ILE A 88 2.55 7.05 -6.10
CA ILE A 88 3.85 7.50 -6.63
C ILE A 88 4.70 6.27 -6.83
N PHE A 89 5.34 6.19 -8.01
CA PHE A 89 6.39 5.23 -8.26
C PHE A 89 7.71 5.99 -8.44
N VAL A 90 8.71 5.63 -7.65
CA VAL A 90 10.05 6.20 -7.75
C VAL A 90 11.00 5.10 -8.24
N GLU A 91 11.60 5.28 -9.42
CA GLU A 91 12.52 4.31 -9.97
C GLU A 91 13.74 4.19 -9.07
N PRO A 92 14.44 3.07 -9.13
CA PRO A 92 15.75 3.00 -8.49
C PRO A 92 16.63 4.15 -8.95
N ASN A 93 17.35 4.75 -8.01
CA ASN A 93 18.32 5.79 -8.27
C ASN A 93 17.74 7.14 -8.63
N GLU A 94 16.42 7.30 -8.67
CA GLU A 94 15.80 8.57 -9.04
C GLU A 94 15.82 9.49 -7.83
N ILE A 95 16.21 10.74 -8.03
CA ILE A 95 16.23 11.72 -6.96
C ILE A 95 14.80 12.05 -6.54
N HIS A 96 14.56 12.07 -5.22
CA HIS A 96 13.23 12.34 -4.69
C HIS A 96 13.35 12.84 -3.25
N GLY A 97 12.35 13.56 -2.80
CA GLY A 97 12.23 13.94 -1.41
C GLY A 97 10.80 14.38 -1.16
N PHE A 98 10.51 14.83 0.05
CA PHE A 98 9.13 15.15 0.42
C PHE A 98 9.12 16.29 1.43
N ARG A 99 8.06 17.08 1.39
CA ARG A 99 7.91 18.14 2.40
C ARG A 99 6.44 18.26 2.74
N ASN A 100 6.12 18.65 3.97
CA ASN A 100 4.76 19.00 4.37
C ASN A 100 4.66 20.50 4.62
N ASP A 101 4.04 21.19 3.67
CA ASP A 101 3.87 22.64 3.77
C ASP A 101 2.58 23.03 4.46
N THR A 102 1.83 22.08 4.96
CA THR A 102 0.53 22.32 5.60
C THR A 102 0.65 22.31 7.11
N ASP A 103 -0.45 22.63 7.79
N ASP A 103 -0.44 22.65 7.79
CA ASP A 103 -0.50 22.70 9.24
CA ASP A 103 -0.46 22.70 9.24
C ASP A 103 -0.76 21.36 9.91
C ASP A 103 -0.97 21.43 9.89
N SER A 104 -1.11 20.34 9.15
CA SER A 104 -1.59 19.08 9.69
C SER A 104 -0.75 17.93 9.16
N GLU A 105 -0.84 16.79 9.83
CA GLU A 105 0.00 15.66 9.48
C GLU A 105 -0.37 15.07 8.14
N VAL A 106 0.65 14.72 7.39
CA VAL A 106 0.48 14.02 6.12
C VAL A 106 0.95 12.57 6.31
N GLU A 107 0.18 11.64 5.81
CA GLU A 107 0.52 10.23 5.93
C GLU A 107 0.56 9.54 4.57
N PHE A 108 1.53 8.65 4.42
CA PHE A 108 1.61 7.87 3.19
CA PHE A 108 1.67 7.89 3.18
C PHE A 108 2.27 6.53 3.48
N LEU A 109 1.80 5.55 2.74
CA LEU A 109 2.42 4.23 2.74
C LEU A 109 3.63 4.26 1.83
N VAL A 110 4.72 3.61 2.25
CA VAL A 110 5.93 3.51 1.46
CA VAL A 110 5.87 3.48 1.38
C VAL A 110 6.38 2.06 1.53
N LEU A 111 6.48 1.42 0.36
CA LEU A 111 6.93 0.06 0.20
C LEU A 111 8.24 0.03 -0.60
N ILE A 112 9.17 -0.81 -0.13
CA ILE A 112 10.47 -1.00 -0.77
C ILE A 112 10.77 -2.49 -0.76
N PRO A 113 11.59 -2.98 -1.69
CA PRO A 113 12.09 -4.35 -1.56
C PRO A 113 12.84 -4.48 -0.26
N LYS A 114 12.76 -5.66 0.37
CA LYS A 114 13.26 -5.84 1.74
C LYS A 114 14.78 -5.71 1.80
N GLU A 115 15.48 -5.86 0.68
CA GLU A 115 16.92 -5.65 0.62
C GLU A 115 17.28 -4.21 1.03
N GLY A 116 16.35 -3.26 0.93
CA GLY A 116 16.59 -1.91 1.36
C GLY A 116 16.29 -1.66 2.83
N GLY A 117 15.93 -2.70 3.59
CA GLY A 117 15.70 -2.60 5.02
C GLY A 117 14.25 -2.30 5.32
N GLU A 118 14.04 -1.77 6.53
CA GLU A 118 12.69 -1.37 6.90
C GLU A 118 12.73 0.04 7.45
N MET B 5 9.75 9.40 -12.58
N MET B 5 9.50 10.44 -11.79
CA MET B 5 8.86 9.33 -11.41
CA MET B 5 8.51 9.85 -10.90
C MET B 5 7.42 9.47 -11.90
C MET B 5 7.15 9.84 -11.59
N ILE B 6 6.52 8.69 -11.40
CA ILE B 6 5.10 8.68 -11.77
C ILE B 6 4.32 9.17 -10.56
N LEU B 7 3.48 10.15 -10.75
CA LEU B 7 2.61 10.66 -9.69
C LEU B 7 1.21 10.75 -10.29
N LYS B 8 0.23 10.02 -9.76
CA LYS B 8 -1.08 9.98 -10.40
C LYS B 8 -2.16 9.76 -9.36
N ARG B 9 -3.33 10.32 -9.63
CA ARG B 9 -4.52 10.03 -8.83
C ARG B 9 -5.02 8.63 -9.16
N ALA B 10 -5.11 7.75 -8.16
CA ALA B 10 -5.47 6.36 -8.41
C ALA B 10 -6.80 6.26 -9.11
N TYR B 11 -7.79 7.07 -8.70
CA TYR B 11 -9.13 7.00 -9.31
C TYR B 11 -9.08 7.14 -10.82
N ASP B 12 -8.15 7.94 -11.30
CA ASP B 12 -8.07 8.23 -12.73
C ASP B 12 -7.56 7.04 -13.55
N VAL B 13 -6.95 6.04 -12.91
CA VAL B 13 -6.63 4.78 -13.59
C VAL B 13 -7.92 4.05 -13.92
N THR B 14 -8.10 3.63 -15.16
CA THR B 14 -9.38 3.00 -15.52
C THR B 14 -9.48 1.65 -14.83
N PRO B 15 -10.56 1.39 -14.09
CA PRO B 15 -10.73 0.08 -13.47
C PRO B 15 -11.16 -0.98 -14.47
N GLN B 16 -10.86 -2.20 -14.13
CA GLN B 16 -11.23 -3.37 -14.88
C GLN B 16 -12.31 -4.12 -14.09
N LYS B 17 -13.50 -4.24 -14.62
CA LYS B 17 -14.51 -5.06 -14.00
C LYS B 17 -14.16 -6.54 -14.08
N ILE B 18 -14.41 -7.27 -12.99
CA ILE B 18 -14.27 -8.71 -12.96
C ILE B 18 -15.59 -9.40 -12.64
N SER B 19 -16.05 -10.36 -13.43
CA SER B 19 -17.24 -11.15 -13.15
C SER B 19 -17.06 -12.59 -13.66
N THR B 20 -16.73 -13.47 -12.73
CA THR B 20 -16.41 -14.86 -13.03
C THR B 20 -17.12 -15.74 -12.01
N ASP B 21 -16.88 -17.04 -12.07
CA ASP B 21 -17.37 -17.99 -11.12
C ASP B 21 -16.82 -17.77 -9.72
N LYS B 22 -15.71 -17.03 -9.58
CA LYS B 22 -15.10 -16.87 -8.29
C LYS B 22 -15.06 -15.42 -7.82
N VAL B 23 -15.28 -14.47 -8.70
CA VAL B 23 -15.15 -13.06 -8.36
C VAL B 23 -16.32 -12.34 -9.01
N ARG B 24 -17.11 -11.59 -8.25
CA ARG B 24 -18.22 -10.80 -8.79
C ARG B 24 -18.32 -9.49 -8.04
N GLY B 25 -18.76 -8.43 -8.71
CA GLY B 25 -18.95 -7.16 -8.08
C GLY B 25 -17.66 -6.50 -7.63
N VAL B 26 -16.60 -6.70 -8.40
CA VAL B 26 -15.27 -6.20 -8.08
C VAL B 26 -14.70 -5.50 -9.31
N ARG B 27 -13.97 -4.41 -9.07
CA ARG B 27 -13.13 -3.89 -10.13
C ARG B 27 -11.75 -3.66 -9.57
N LYS B 28 -10.80 -3.69 -10.48
CA LYS B 28 -9.40 -3.63 -10.20
C LYS B 28 -8.70 -2.53 -10.99
N ARG B 29 -7.87 -1.76 -10.34
CA ARG B 29 -6.98 -0.78 -10.98
C ARG B 29 -5.55 -1.27 -10.79
N VAL B 30 -4.79 -1.31 -11.86
CA VAL B 30 -3.34 -1.56 -11.78
C VAL B 30 -2.68 -0.19 -11.69
N LEU B 31 -2.15 0.15 -10.53
CA LEU B 31 -1.50 1.42 -10.29
C LEU B 31 -0.04 1.41 -10.73
N ILE B 32 0.69 0.42 -10.23
CA ILE B 32 2.09 0.19 -10.53
C ILE B 32 2.25 -1.24 -10.99
N GLY B 33 2.40 -1.44 -12.27
CA GLY B 33 2.49 -2.75 -12.84
C GLY B 33 3.92 -3.11 -13.21
N LEU B 34 4.11 -4.29 -13.78
CA LEU B 34 5.49 -4.69 -14.07
C LEU B 34 6.07 -4.00 -15.28
N LYS B 35 5.27 -3.30 -16.07
CA LYS B 35 5.84 -2.34 -17.02
C LYS B 35 6.82 -1.39 -16.32
N ASP B 36 6.47 -0.97 -15.10
CA ASP B 36 7.26 -0.01 -14.38
C ASP B 36 8.15 -0.61 -13.30
N ALA B 37 7.58 -1.60 -12.61
CA ALA B 37 8.16 -2.01 -11.34
C ALA B 37 9.06 -3.20 -11.47
N PRO B 38 10.21 -3.21 -10.80
CA PRO B 38 11.06 -4.38 -10.98
C PRO B 38 10.72 -5.54 -10.07
N ASN B 39 10.04 -5.33 -8.96
CA ASN B 39 9.94 -6.38 -7.96
C ASN B 39 8.52 -6.71 -7.53
N PHE B 40 7.62 -5.76 -7.42
CA PHE B 40 6.28 -5.98 -6.88
C PHE B 40 5.33 -4.95 -7.47
N VAL B 41 4.07 -5.28 -7.48
CA VAL B 41 3.04 -4.47 -8.12
C VAL B 41 2.05 -3.95 -7.09
N MET B 42 1.36 -2.87 -7.46
CA MET B 42 0.38 -2.22 -6.63
C MET B 42 -0.94 -2.13 -7.38
N ARG B 43 -1.98 -2.72 -6.84
CA ARG B 43 -3.32 -2.68 -7.39
C ARG B 43 -4.29 -2.11 -6.35
N LEU B 44 -5.39 -1.58 -6.81
CA LEU B 44 -6.45 -1.05 -5.94
C LEU B 44 -7.75 -1.71 -6.34
N PHE B 45 -8.35 -2.45 -5.42
CA PHE B 45 -9.61 -3.16 -5.62
C PHE B 45 -10.75 -2.37 -5.00
N THR B 46 -11.85 -2.31 -5.75
CA THR B 46 -13.09 -1.74 -5.28
C THR B 46 -14.13 -2.84 -5.31
N VAL B 47 -14.78 -3.02 -4.18
CA VAL B 47 -15.78 -4.09 -4.05
C VAL B 47 -17.14 -3.44 -3.82
N GLU B 48 -18.05 -3.69 -4.77
CA GLU B 48 -19.38 -3.11 -4.66
C GLU B 48 -20.12 -3.80 -3.52
N PRO B 49 -21.24 -3.23 -3.06
CA PRO B 49 -22.09 -3.91 -2.08
C PRO B 49 -22.47 -5.30 -2.55
N GLY B 50 -22.21 -6.31 -1.72
CA GLY B 50 -22.47 -7.69 -2.07
C GLY B 50 -21.39 -8.35 -2.91
N GLY B 51 -20.35 -7.63 -3.31
CA GLY B 51 -19.27 -8.18 -4.07
C GLY B 51 -18.48 -9.21 -3.31
N LEU B 52 -17.83 -10.10 -4.06
CA LEU B 52 -17.19 -11.30 -3.48
C LEU B 52 -15.97 -11.69 -4.29
N ILE B 53 -14.90 -11.95 -3.58
CA ILE B 53 -13.71 -12.64 -4.08
C ILE B 53 -13.63 -13.94 -3.29
N ASP B 54 -14.00 -15.05 -3.94
N ASP B 54 -14.00 -15.05 -3.93
CA ASP B 54 -14.13 -16.26 -3.13
CA ASP B 54 -14.05 -16.38 -3.33
C ASP B 54 -12.77 -16.79 -2.73
C ASP B 54 -12.72 -16.74 -2.69
N ARG B 55 -12.77 -17.64 -1.72
CA ARG B 55 -11.58 -18.25 -1.19
C ARG B 55 -10.70 -18.85 -2.28
N HIS B 56 -9.41 -18.55 -2.17
CA HIS B 56 -8.38 -19.05 -3.06
C HIS B 56 -7.04 -18.96 -2.35
N SER B 57 -6.00 -19.47 -3.02
CA SER B 57 -4.65 -19.29 -2.49
C SER B 57 -3.68 -19.16 -3.66
N HIS B 58 -2.46 -18.76 -3.37
N HIS B 58 -2.50 -18.65 -3.35
CA HIS B 58 -1.48 -18.73 -4.46
CA HIS B 58 -1.42 -18.39 -4.28
C HIS B 58 -0.10 -18.66 -3.82
C HIS B 58 -0.09 -18.88 -3.72
N PRO B 59 0.91 -19.05 -4.57
CA PRO B 59 2.25 -19.31 -4.07
C PRO B 59 2.96 -18.10 -3.51
N TRP B 60 2.38 -16.90 -3.66
CA TRP B 60 2.94 -15.64 -3.21
C TRP B 60 2.04 -15.02 -2.14
N GLU B 61 2.62 -14.09 -1.42
CA GLU B 61 1.98 -13.29 -0.38
C GLU B 61 1.11 -12.19 -0.93
N HIS B 62 0.26 -11.62 -0.08
N HIS B 62 0.29 -11.62 -0.04
CA HIS B 62 -0.42 -10.35 -0.25
CA HIS B 62 -0.33 -10.32 -0.26
C HIS B 62 -0.01 -9.36 0.86
C HIS B 62 0.04 -9.36 0.87
N GLU B 63 0.25 -8.11 0.51
CA GLU B 63 0.29 -7.02 1.49
C GLU B 63 -0.84 -6.07 1.14
N ILE B 64 -1.72 -5.81 2.07
CA ILE B 64 -2.98 -5.10 1.84
C ILE B 64 -3.12 -3.96 2.80
N PHE B 65 -3.73 -2.86 2.34
CA PHE B 65 -4.13 -1.77 3.22
C PHE B 65 -5.57 -1.43 2.87
N VAL B 66 -6.43 -1.38 3.89
CA VAL B 66 -7.84 -1.10 3.68
C VAL B 66 -8.06 0.40 3.67
N LEU B 67 -8.52 0.92 2.53
CA LEU B 67 -8.63 2.35 2.30
C LEU B 67 -9.99 2.93 2.63
N LYS B 68 -11.05 2.14 2.48
CA LYS B 68 -12.41 2.67 2.62
C LYS B 68 -13.36 1.54 2.97
N GLY B 69 -14.16 1.76 4.00
CA GLY B 69 -15.25 0.86 4.33
C GLY B 69 -14.85 -0.30 5.21
N LYS B 70 -15.79 -1.23 5.33
CA LYS B 70 -15.68 -2.41 6.17
C LYS B 70 -15.59 -3.64 5.28
N LEU B 71 -14.42 -4.25 5.36
CA LEU B 71 -14.06 -5.38 4.49
C LEU B 71 -14.21 -6.67 5.26
N THR B 72 -14.98 -7.62 4.75
CA THR B 72 -15.07 -8.95 5.32
C THR B 72 -13.99 -9.82 4.69
N VAL B 73 -13.12 -10.34 5.53
CA VAL B 73 -12.01 -11.17 5.10
C VAL B 73 -12.35 -12.62 5.35
N LEU B 74 -12.42 -13.42 4.31
CA LEU B 74 -12.64 -14.87 4.37
C LEU B 74 -11.31 -15.54 4.67
N LYS B 75 -11.34 -16.42 5.66
CA LYS B 75 -10.19 -17.18 6.13
C LYS B 75 -10.40 -18.66 5.84
N GLU B 76 -9.37 -19.48 6.01
CA GLU B 76 -9.61 -20.89 5.64
C GLU B 76 -10.92 -21.39 6.26
N GLN B 77 -11.03 -21.12 7.56
CA GLN B 77 -12.34 -21.27 8.20
C GLN B 77 -12.76 -19.94 8.84
N GLY B 78 -14.02 -19.66 8.65
CA GLY B 78 -14.56 -18.45 9.18
C GLY B 78 -14.13 -17.19 8.46
N GLU B 79 -14.50 -16.09 9.09
CA GLU B 79 -14.28 -14.77 8.50
C GLU B 79 -14.08 -13.73 9.58
N GLU B 80 -13.51 -12.59 9.23
CA GLU B 80 -13.22 -11.50 10.16
C GLU B 80 -13.42 -10.18 9.40
N THR B 81 -14.10 -9.24 9.98
CA THR B 81 -14.34 -7.92 9.41
C THR B 81 -13.31 -6.93 9.94
N VAL B 82 -12.76 -6.16 9.02
CA VAL B 82 -11.83 -5.09 9.34
C VAL B 82 -12.28 -3.82 8.70
N GLU B 83 -11.67 -2.70 8.97
CA GLU B 83 -12.13 -1.47 8.36
C GLU B 83 -10.95 -0.64 7.90
N GLU B 84 -11.30 0.48 7.30
CA GLU B 84 -10.32 1.44 6.83
C GLU B 84 -9.29 1.67 7.92
N GLY B 85 -8.02 1.66 7.53
CA GLY B 85 -6.93 1.85 8.43
C GLY B 85 -6.31 0.56 8.92
N PHE B 86 -6.85 -0.60 8.59
CA PHE B 86 -6.21 -1.87 8.84
C PHE B 86 -5.25 -2.19 7.68
N TYR B 87 -4.17 -2.86 8.03
CA TYR B 87 -3.36 -3.59 7.06
C TYR B 87 -3.56 -5.08 7.26
N ILE B 88 -3.28 -5.82 6.18
CA ILE B 88 -3.40 -7.28 6.19
C ILE B 88 -2.16 -7.84 5.50
N PHE B 89 -1.54 -8.82 6.16
CA PHE B 89 -0.45 -9.59 5.57
C PHE B 89 -0.95 -11.02 5.39
N VAL B 90 -1.07 -11.47 4.15
CA VAL B 90 -1.48 -12.85 3.84
C VAL B 90 -0.23 -13.62 3.47
N GLU B 91 0.16 -14.61 4.29
CA GLU B 91 1.30 -15.43 3.96
C GLU B 91 1.10 -16.14 2.63
N PRO B 92 2.18 -16.49 1.95
CA PRO B 92 2.05 -17.38 0.78
C PRO B 92 1.23 -18.61 1.19
N ASN B 93 0.39 -19.05 0.25
CA ASN B 93 -0.38 -20.28 0.36
C ASN B 93 -1.56 -20.20 1.30
N GLU B 94 -1.75 -19.14 2.04
CA GLU B 94 -2.86 -19.04 2.96
C GLU B 94 -4.17 -18.83 2.23
N ILE B 95 -5.20 -19.61 2.54
CA ILE B 95 -6.51 -19.39 1.93
C ILE B 95 -7.09 -18.09 2.40
N HIS B 96 -7.63 -17.34 1.44
CA HIS B 96 -8.20 -16.05 1.73
C HIS B 96 -9.22 -15.67 0.67
N GLY B 97 -10.10 -14.78 1.01
CA GLY B 97 -11.05 -14.17 0.10
C GLY B 97 -11.66 -12.95 0.78
N PHE B 98 -12.60 -12.29 0.10
CA PHE B 98 -13.13 -11.03 0.58
C PHE B 98 -14.60 -10.92 0.21
N ARG B 99 -15.35 -10.18 1.02
CA ARG B 99 -16.75 -9.90 0.72
C ARG B 99 -17.06 -8.50 1.26
N ASN B 100 -18.04 -7.85 0.62
CA ASN B 100 -18.56 -6.56 1.12
C ASN B 100 -20.03 -6.74 1.51
N ASP B 101 -20.30 -6.82 2.80
CA ASP B 101 -21.63 -6.96 3.34
C ASP B 101 -22.30 -5.62 3.59
N THR B 102 -21.66 -4.52 3.31
CA THR B 102 -22.20 -3.20 3.57
C THR B 102 -22.92 -2.67 2.35
N ASP B 103 -23.54 -1.49 2.53
CA ASP B 103 -24.28 -0.87 1.45
C ASP B 103 -23.47 0.17 0.67
N SER B 104 -22.17 0.28 0.92
CA SER B 104 -21.34 1.21 0.14
C SER B 104 -20.08 0.50 -0.34
N GLU B 105 -19.39 1.12 -1.27
CA GLU B 105 -18.18 0.54 -1.84
C GLU B 105 -17.06 0.47 -0.81
N VAL B 106 -16.32 -0.63 -0.89
CA VAL B 106 -15.13 -0.88 -0.07
C VAL B 106 -13.91 -0.89 -0.99
N GLU B 107 -12.83 -0.26 -0.55
CA GLU B 107 -11.61 -0.18 -1.33
C GLU B 107 -10.41 -0.66 -0.52
N PHE B 108 -9.52 -1.37 -1.19
CA PHE B 108 -8.27 -1.79 -0.55
C PHE B 108 -7.16 -1.88 -1.57
N LEU B 109 -5.95 -1.54 -1.11
CA LEU B 109 -4.74 -1.71 -1.87
C LEU B 109 -4.23 -3.12 -1.67
N VAL B 110 -3.70 -3.71 -2.73
CA VAL B 110 -3.15 -5.05 -2.74
CA VAL B 110 -3.06 -5.00 -2.60
C VAL B 110 -1.79 -4.97 -3.44
N LEU B 111 -0.73 -5.41 -2.80
CA LEU B 111 0.59 -5.52 -3.40
C LEU B 111 1.05 -6.97 -3.36
N ILE B 112 1.64 -7.38 -4.47
CA ILE B 112 2.05 -8.74 -4.70
C ILE B 112 3.42 -8.74 -5.40
N PRO B 113 4.26 -9.72 -5.13
CA PRO B 113 5.54 -9.80 -5.85
C PRO B 113 5.29 -10.11 -7.31
N LYS B 114 6.29 -9.77 -8.13
CA LYS B 114 6.16 -9.79 -9.57
C LYS B 114 5.71 -11.12 -10.13
N GLU B 115 6.09 -12.21 -9.48
CA GLU B 115 5.67 -13.51 -9.98
C GLU B 115 4.16 -13.66 -10.02
N GLY B 116 3.46 -12.91 -9.18
CA GLY B 116 2.02 -12.94 -9.17
C GLY B 116 1.48 -11.78 -10.02
N GLY B 117 2.42 -10.91 -10.41
CA GLY B 117 2.13 -9.52 -10.73
C GLY B 117 1.83 -9.32 -12.19
N GLU B 118 1.77 -10.37 -12.99
CA GLU B 118 1.40 -10.12 -14.39
C GLU B 118 0.02 -9.47 -14.43
FE FE C . 13.75 7.36 -0.66
FE FE D . -5.40 -13.51 -3.42
#